data_3D61
#
_entry.id   3D61
#
_cell.length_a   86.087
_cell.length_b   89.732
_cell.length_c   75.985
_cell.angle_alpha   90.00
_cell.angle_beta   90.00
_cell.angle_gamma   90.00
#
_symmetry.space_group_name_H-M   'C 2 2 21'
#
loop_
_entity.id
_entity.type
_entity.pdbx_description
1 polymer 'Intracellular arabinanase'
2 branched alpha-L-arabinofuranose-(1-5)-beta-L-arabinofuranose
3 non-polymer 'CALCIUM ION'
4 water water
#
_entity_poly.entity_id   1
_entity_poly.type   'polypeptide(L)'
_entity_poly.pdbx_seq_one_letter_code
;VHFHPFGNVNFYEMDWSLKGDLWAHDPVIAKEGSRWYVFHTGSGIQIKTSEDGVHWENMGWVFPSLPDWYKQYVPEKDED
HLWAPDICFYNGIYYLYYSVSTFGKNTSVIGLATNQTLDPRDPDYEWKDMGPVIHSTASDNYNAIAPNVVFDQEGQPWLS
FGSFWSGIQLIQLDTETMKPAAQAELLTIASRGEEPNAIEAPFIVCRNGYYYLFVSFDFCCRGIESTYKIAVGRSKDITG
PYVDKNGVSMMQGGGTILDEGNDRWIGPGHCAVYFSGVSAILVNHAYDALKNGEPTLQIRPLYWDDEGWPYLSV
;
_entity_poly.pdbx_strand_id   A
#
# COMPACT_ATOMS: atom_id res chain seq x y z
N VAL A 1 -4.25 -12.45 -10.13
CA VAL A 1 -5.07 -11.62 -9.19
C VAL A 1 -6.07 -10.79 -9.99
N HIS A 2 -7.34 -11.17 -9.93
CA HIS A 2 -8.37 -10.48 -10.68
C HIS A 2 -8.49 -8.98 -10.34
N PHE A 3 -8.24 -8.62 -9.09
CA PHE A 3 -8.35 -7.22 -8.69
C PHE A 3 -7.08 -6.40 -8.93
N HIS A 4 -5.99 -7.07 -9.30
CA HIS A 4 -4.71 -6.42 -9.60
C HIS A 4 -4.23 -7.01 -10.93
N PRO A 5 -4.98 -6.77 -12.01
CA PRO A 5 -4.69 -7.25 -13.36
C PRO A 5 -3.42 -6.72 -14.02
N PHE A 6 -2.62 -7.62 -14.57
CA PHE A 6 -1.40 -7.26 -15.29
C PHE A 6 -1.28 -8.19 -16.49
N GLY A 7 -2.05 -9.26 -16.44
CA GLY A 7 -2.07 -10.27 -17.49
C GLY A 7 -1.33 -9.98 -18.78
N ASN A 8 -0.54 -10.95 -19.22
CA ASN A 8 0.26 -10.86 -20.44
C ASN A 8 1.54 -10.08 -20.22
N VAL A 9 2.37 -10.57 -19.31
CA VAL A 9 3.64 -9.95 -19.01
C VAL A 9 4.38 -10.78 -17.98
N ASN A 10 5.67 -11.00 -18.22
CA ASN A 10 6.48 -11.76 -17.31
C ASN A 10 7.49 -10.81 -16.67
N PHE A 11 7.20 -10.40 -15.44
CA PHE A 11 8.05 -9.47 -14.71
C PHE A 11 9.51 -9.94 -14.58
N TYR A 12 9.72 -11.25 -14.55
CA TYR A 12 11.07 -11.79 -14.40
C TYR A 12 11.99 -11.61 -15.61
N GLU A 13 11.40 -11.37 -16.79
CA GLU A 13 12.20 -11.19 -18.00
C GLU A 13 12.45 -9.73 -18.31
N MET A 14 11.77 -8.84 -17.61
CA MET A 14 11.89 -7.41 -17.84
C MET A 14 13.10 -6.76 -17.18
N ASP A 15 13.53 -5.64 -17.76
CA ASP A 15 14.65 -4.88 -17.23
C ASP A 15 14.02 -3.76 -16.41
N TRP A 16 14.18 -3.83 -15.09
CA TRP A 16 13.59 -2.83 -14.21
C TRP A 16 14.53 -1.69 -13.81
N SER A 17 15.24 -1.15 -14.77
CA SER A 17 16.14 -0.01 -14.52
C SER A 17 15.29 1.20 -14.81
N LEU A 18 14.48 1.59 -13.83
CA LEU A 18 13.56 2.70 -13.96
C LEU A 18 14.19 4.00 -14.45
N LYS A 19 13.41 4.76 -15.21
CA LYS A 19 13.86 6.04 -15.76
C LYS A 19 12.71 7.04 -15.72
N GLY A 20 13.05 8.33 -15.77
CA GLY A 20 12.04 9.37 -15.78
C GLY A 20 11.79 10.06 -14.45
N ASP A 21 10.52 10.34 -14.16
CA ASP A 21 10.13 11.01 -12.92
C ASP A 21 9.93 9.91 -11.89
N LEU A 22 10.93 9.71 -11.03
CA LEU A 22 10.89 8.65 -10.04
C LEU A 22 10.67 9.05 -8.60
N TRP A 23 10.42 10.34 -8.34
CA TRP A 23 10.19 10.78 -6.97
C TRP A 23 8.85 10.18 -6.57
N ALA A 24 8.83 9.42 -5.48
CA ALA A 24 7.60 8.80 -5.01
C ALA A 24 7.71 8.38 -3.57
N HIS A 25 6.56 8.26 -2.91
CA HIS A 25 6.49 7.86 -1.51
C HIS A 25 5.19 7.10 -1.31
N ASP A 26 5.28 5.86 -0.81
CA ASP A 26 4.10 5.02 -0.55
C ASP A 26 3.33 4.73 -1.84
N PRO A 27 4.02 4.17 -2.84
CA PRO A 27 3.38 3.86 -4.13
C PRO A 27 2.64 2.54 -4.27
N VAL A 28 1.71 2.51 -5.21
CA VAL A 28 0.95 1.32 -5.59
C VAL A 28 0.87 1.43 -7.11
N ILE A 29 0.64 0.31 -7.77
CA ILE A 29 0.58 0.30 -9.22
C ILE A 29 -0.62 -0.42 -9.79
N ALA A 30 -1.06 0.03 -10.96
CA ALA A 30 -2.18 -0.56 -11.65
C ALA A 30 -1.89 -0.46 -13.14
N LYS A 31 -2.42 -1.40 -13.92
CA LYS A 31 -2.22 -1.41 -15.36
C LYS A 31 -3.57 -1.64 -16.02
N GLU A 32 -3.88 -0.82 -17.01
CA GLU A 32 -5.13 -0.91 -17.76
C GLU A 32 -4.74 -0.83 -19.23
N GLY A 33 -4.94 -1.92 -19.95
CA GLY A 33 -4.56 -1.92 -21.35
C GLY A 33 -3.05 -1.87 -21.42
N SER A 34 -2.52 -1.00 -22.28
CA SER A 34 -1.08 -0.88 -22.45
C SER A 34 -0.49 0.20 -21.55
N ARG A 35 -1.33 0.78 -20.68
CA ARG A 35 -0.89 1.85 -19.78
C ARG A 35 -0.70 1.43 -18.33
N TRP A 36 0.43 1.83 -17.75
CA TRP A 36 0.78 1.54 -16.36
C TRP A 36 0.56 2.83 -15.56
N TYR A 37 0.17 2.69 -14.31
CA TYR A 37 -0.09 3.84 -13.47
C TYR A 37 0.48 3.69 -12.05
N VAL A 38 1.01 4.79 -11.53
CA VAL A 38 1.53 4.82 -10.18
C VAL A 38 0.75 5.89 -9.42
N PHE A 39 0.29 5.54 -8.24
CA PHE A 39 -0.43 6.46 -7.37
C PHE A 39 0.42 6.50 -6.12
N HIS A 40 0.67 7.70 -5.60
CA HIS A 40 1.46 7.80 -4.38
C HIS A 40 1.11 9.03 -3.58
N THR A 41 1.73 9.15 -2.42
CA THR A 41 1.49 10.26 -1.51
C THR A 41 1.89 11.61 -2.10
N GLY A 42 1.06 12.62 -1.82
CA GLY A 42 1.32 13.96 -2.33
C GLY A 42 0.02 14.72 -2.49
N SER A 43 0.13 15.97 -2.95
CA SER A 43 -1.02 16.84 -3.15
C SER A 43 -2.12 16.18 -3.95
N GLY A 44 -3.29 16.04 -3.32
CA GLY A 44 -4.46 15.45 -3.96
C GLY A 44 -4.26 14.06 -4.54
N ILE A 45 -3.22 13.38 -4.08
CA ILE A 45 -2.83 12.05 -4.57
C ILE A 45 -2.18 12.22 -5.94
N GLN A 46 -0.87 12.00 -5.98
CA GLN A 46 -0.08 12.13 -7.20
C GLN A 46 -0.16 10.90 -8.08
N ILE A 47 -0.10 11.13 -9.40
CA ILE A 47 -0.18 10.04 -10.37
C ILE A 47 0.97 10.11 -11.38
N LYS A 48 1.45 8.94 -11.78
CA LYS A 48 2.50 8.84 -12.78
C LYS A 48 1.99 7.79 -13.76
N THR A 49 2.39 7.89 -15.03
CA THR A 49 1.94 6.90 -16.01
C THR A 49 3.15 6.40 -16.81
N SER A 50 3.02 5.21 -17.36
CA SER A 50 4.11 4.62 -18.13
C SER A 50 3.59 3.68 -19.22
N GLU A 51 4.33 3.57 -20.32
CA GLU A 51 3.97 2.70 -21.43
C GLU A 51 4.49 1.29 -21.21
N ASP A 52 5.65 1.21 -20.55
CA ASP A 52 6.30 -0.08 -20.31
C ASP A 52 6.51 -0.43 -18.85
N GLY A 53 6.15 0.50 -17.96
CA GLY A 53 6.32 0.25 -16.54
C GLY A 53 7.73 0.58 -16.07
N VAL A 54 8.58 1.00 -17.00
CA VAL A 54 9.98 1.32 -16.68
C VAL A 54 10.26 2.81 -16.78
N HIS A 55 9.74 3.46 -17.82
CA HIS A 55 9.93 4.90 -18.02
C HIS A 55 8.69 5.61 -17.47
N TRP A 56 8.86 6.35 -16.38
CA TRP A 56 7.74 7.04 -15.74
C TRP A 56 7.67 8.54 -15.96
N GLU A 57 6.45 9.06 -16.03
CA GLU A 57 6.19 10.47 -16.24
C GLU A 57 5.07 10.93 -15.30
N ASN A 58 5.25 12.08 -14.65
CA ASN A 58 4.22 12.58 -13.75
C ASN A 58 2.96 12.89 -14.56
N MET A 59 1.80 12.52 -14.01
CA MET A 59 0.52 12.72 -14.70
C MET A 59 -0.59 13.35 -13.85
N GLY A 60 -0.33 14.49 -13.24
CA GLY A 60 -1.35 15.16 -12.45
C GLY A 60 -1.70 14.54 -11.11
N TRP A 61 -2.96 14.71 -10.71
CA TRP A 61 -3.44 14.20 -9.42
C TRP A 61 -4.95 13.88 -9.43
N VAL A 62 -5.39 13.15 -8.42
CA VAL A 62 -6.79 12.73 -8.31
C VAL A 62 -7.77 13.82 -7.89
N PHE A 63 -7.44 14.54 -6.81
CA PHE A 63 -8.31 15.60 -6.30
C PHE A 63 -7.77 17.02 -6.50
N PRO A 64 -8.32 17.76 -7.48
CA PRO A 64 -7.85 19.13 -7.71
C PRO A 64 -8.16 20.01 -6.50
N SER A 65 -9.22 19.64 -5.78
CA SER A 65 -9.64 20.35 -4.58
C SER A 65 -10.14 19.30 -3.61
N LEU A 66 -9.67 19.36 -2.37
CA LEU A 66 -10.07 18.39 -1.35
C LEU A 66 -11.53 18.48 -0.90
N PRO A 67 -12.21 17.33 -0.83
CA PRO A 67 -13.61 17.28 -0.40
C PRO A 67 -13.75 17.92 0.97
N ASP A 68 -14.84 18.64 1.19
CA ASP A 68 -15.05 19.30 2.47
C ASP A 68 -15.20 18.37 3.67
N TRP A 69 -15.66 17.14 3.46
CA TRP A 69 -15.86 16.25 4.59
C TRP A 69 -14.59 15.87 5.35
N TYR A 70 -13.43 16.08 4.76
CA TYR A 70 -12.17 15.77 5.44
C TYR A 70 -12.11 16.50 6.78
N LYS A 71 -12.57 17.75 6.76
CA LYS A 71 -12.56 18.62 7.94
C LYS A 71 -13.37 18.09 9.11
N GLN A 72 -14.34 17.23 8.84
CA GLN A 72 -15.17 16.67 9.90
C GLN A 72 -14.35 15.66 10.71
N TYR A 73 -13.31 15.10 10.09
CA TYR A 73 -12.46 14.11 10.75
C TYR A 73 -11.11 14.62 11.20
N VAL A 74 -10.50 15.48 10.37
CA VAL A 74 -9.18 16.04 10.65
C VAL A 74 -9.27 17.57 10.47
N PRO A 75 -9.94 18.25 11.39
CA PRO A 75 -10.10 19.70 11.31
C PRO A 75 -8.78 20.47 11.28
N GLU A 76 -7.79 19.94 11.97
CA GLU A 76 -6.48 20.60 12.04
C GLU A 76 -5.63 20.55 10.78
N LYS A 77 -5.93 19.63 9.87
CA LYS A 77 -5.15 19.51 8.63
C LYS A 77 -5.20 20.81 7.82
N ASP A 78 -4.03 21.30 7.43
CA ASP A 78 -3.96 22.55 6.67
C ASP A 78 -3.55 22.40 5.21
N GLU A 79 -2.63 21.48 4.92
CA GLU A 79 -2.17 21.29 3.55
C GLU A 79 -2.98 20.25 2.76
N ASP A 80 -2.67 20.09 1.48
CA ASP A 80 -3.40 19.17 0.62
C ASP A 80 -2.79 17.82 0.27
N HIS A 81 -1.84 17.35 1.06
CA HIS A 81 -1.24 16.05 0.79
C HIS A 81 -2.11 14.92 1.31
N LEU A 82 -2.40 13.95 0.44
CA LEU A 82 -3.20 12.78 0.81
C LEU A 82 -2.19 11.64 0.79
N TRP A 83 -2.28 10.73 1.76
CA TRP A 83 -1.30 9.65 1.86
C TRP A 83 -1.66 8.23 1.49
N ALA A 84 -0.60 7.50 1.16
CA ALA A 84 -0.63 6.07 0.86
C ALA A 84 -1.87 5.52 0.19
N PRO A 85 -2.05 5.83 -1.09
CA PRO A 85 -3.22 5.32 -1.82
C PRO A 85 -3.11 3.83 -2.09
N ASP A 86 -4.23 3.19 -2.35
CA ASP A 86 -4.24 1.77 -2.67
C ASP A 86 -5.24 1.60 -3.81
N ILE A 87 -4.85 0.86 -4.84
CA ILE A 87 -5.71 0.68 -5.99
C ILE A 87 -6.06 -0.79 -6.27
N CYS A 88 -7.30 -1.01 -6.67
CA CYS A 88 -7.77 -2.35 -7.04
C CYS A 88 -8.91 -2.18 -8.04
N PHE A 89 -9.12 -3.21 -8.85
CA PHE A 89 -10.12 -3.23 -9.91
C PHE A 89 -11.17 -4.30 -9.61
N TYR A 90 -12.44 -3.90 -9.50
CA TYR A 90 -13.51 -4.83 -9.19
C TYR A 90 -14.82 -4.42 -9.85
N ASN A 91 -15.45 -5.34 -10.56
CA ASN A 91 -16.71 -5.06 -11.25
C ASN A 91 -16.61 -3.89 -12.21
N GLY A 92 -15.51 -3.82 -12.94
CA GLY A 92 -15.32 -2.75 -13.90
C GLY A 92 -15.06 -1.39 -13.30
N ILE A 93 -14.85 -1.33 -11.99
CA ILE A 93 -14.59 -0.05 -11.32
C ILE A 93 -13.24 -0.04 -10.60
N TYR A 94 -12.56 1.11 -10.64
CA TYR A 94 -11.29 1.23 -9.96
C TYR A 94 -11.55 1.86 -8.60
N TYR A 95 -11.14 1.15 -7.55
CA TYR A 95 -11.32 1.63 -6.19
C TYR A 95 -9.99 2.11 -5.66
N LEU A 96 -9.93 3.40 -5.36
CA LEU A 96 -8.71 4.00 -4.85
C LEU A 96 -8.94 4.49 -3.42
N TYR A 97 -8.32 3.80 -2.48
CA TYR A 97 -8.43 4.17 -1.09
C TYR A 97 -7.22 5.04 -0.77
N TYR A 98 -7.39 5.96 0.18
CA TYR A 98 -6.29 6.85 0.55
C TYR A 98 -6.48 7.33 1.98
N SER A 99 -5.46 8.03 2.49
CA SER A 99 -5.47 8.51 3.87
C SER A 99 -5.49 10.02 4.03
N VAL A 100 -6.30 10.50 4.98
CA VAL A 100 -6.37 11.92 5.29
C VAL A 100 -5.91 11.96 6.75
N SER A 101 -4.79 12.64 7.01
CA SER A 101 -4.24 12.69 8.35
C SER A 101 -3.20 13.79 8.51
N THR A 102 -2.60 13.88 9.70
CA THR A 102 -1.54 14.84 10.00
C THR A 102 -0.45 14.04 10.69
N PHE A 103 0.78 14.20 10.23
CA PHE A 103 1.94 13.45 10.76
C PHE A 103 2.10 13.38 12.28
N GLY A 104 2.22 12.16 12.78
CA GLY A 104 2.42 11.96 14.21
C GLY A 104 1.17 11.80 15.06
N LYS A 105 0.00 12.02 14.47
CA LYS A 105 -1.25 11.90 15.23
C LYS A 105 -2.20 10.89 14.60
N ASN A 106 -3.13 10.36 15.39
CA ASN A 106 -4.05 9.37 14.85
C ASN A 106 -5.47 9.87 14.63
N THR A 107 -5.61 11.18 14.40
CA THR A 107 -6.90 11.76 14.06
C THR A 107 -6.82 11.60 12.56
N SER A 108 -7.37 10.49 12.06
CA SER A 108 -7.27 10.18 10.64
C SER A 108 -8.51 9.52 10.07
N VAL A 109 -8.61 9.52 8.75
CA VAL A 109 -9.72 8.90 8.06
C VAL A 109 -9.27 8.40 6.70
N ILE A 110 -9.71 7.19 6.35
CA ILE A 110 -9.38 6.60 5.06
C ILE A 110 -10.56 6.91 4.13
N GLY A 111 -10.26 7.47 2.97
CA GLY A 111 -11.30 7.82 2.02
C GLY A 111 -11.29 6.91 0.80
N LEU A 112 -12.35 7.01 0.00
CA LEU A 112 -12.48 6.19 -1.21
C LEU A 112 -12.92 7.02 -2.40
N ALA A 113 -12.19 6.89 -3.50
CA ALA A 113 -12.50 7.57 -4.74
C ALA A 113 -12.61 6.44 -5.76
N THR A 114 -13.55 6.55 -6.70
CA THR A 114 -13.73 5.51 -7.71
C THR A 114 -13.72 6.12 -9.10
N ASN A 115 -13.37 5.31 -10.10
CA ASN A 115 -13.33 5.76 -11.48
C ASN A 115 -13.64 4.54 -12.36
N GLN A 116 -14.30 4.78 -13.49
CA GLN A 116 -14.62 3.68 -14.39
C GLN A 116 -13.41 3.29 -15.23
N THR A 117 -12.41 4.18 -15.25
CA THR A 117 -11.19 3.93 -16.02
C THR A 117 -10.04 4.79 -15.50
N LEU A 118 -8.81 4.40 -15.82
CA LEU A 118 -7.64 5.14 -15.36
C LEU A 118 -7.10 6.06 -16.46
N ASP A 119 -7.65 5.93 -17.66
CA ASP A 119 -7.22 6.71 -18.82
C ASP A 119 -7.95 8.05 -18.92
N PRO A 120 -7.23 9.17 -18.67
CA PRO A 120 -7.82 10.51 -18.73
C PRO A 120 -8.39 10.86 -20.10
N ARG A 121 -7.96 10.14 -21.13
CA ARG A 121 -8.44 10.38 -22.50
C ARG A 121 -9.83 9.81 -22.73
N ASP A 122 -10.27 8.90 -21.87
CA ASP A 122 -11.58 8.28 -22.00
C ASP A 122 -12.69 9.19 -21.46
N PRO A 123 -13.81 9.27 -22.20
CA PRO A 123 -14.95 10.10 -21.80
C PRO A 123 -15.51 9.75 -20.42
N ASP A 124 -15.31 8.51 -19.99
CA ASP A 124 -15.81 8.07 -18.69
C ASP A 124 -14.85 8.37 -17.53
N TYR A 125 -13.72 8.98 -17.82
CA TYR A 125 -12.75 9.29 -16.77
C TYR A 125 -13.22 10.38 -15.82
N GLU A 126 -13.42 10.01 -14.56
CA GLU A 126 -13.83 10.96 -13.53
C GLU A 126 -13.64 10.33 -12.16
N TRP A 127 -12.78 10.93 -11.35
CA TRP A 127 -12.57 10.41 -10.01
C TRP A 127 -13.70 10.94 -9.14
N LYS A 128 -14.56 10.04 -8.68
CA LYS A 128 -15.68 10.42 -7.84
C LYS A 128 -15.34 10.25 -6.36
N ASP A 129 -15.71 11.25 -5.57
CA ASP A 129 -15.47 11.22 -4.13
C ASP A 129 -16.57 10.39 -3.50
N MET A 130 -16.24 9.16 -3.10
CA MET A 130 -17.25 8.30 -2.49
C MET A 130 -17.20 8.28 -0.97
N GLY A 131 -16.59 9.31 -0.40
CA GLY A 131 -16.53 9.46 1.05
C GLY A 131 -15.63 8.59 1.92
N PRO A 132 -15.75 8.76 3.25
CA PRO A 132 -14.97 8.03 4.27
C PRO A 132 -15.31 6.54 4.36
N VAL A 133 -14.31 5.75 4.69
CA VAL A 133 -14.44 4.31 4.80
C VAL A 133 -14.35 3.89 6.26
N ILE A 134 -13.37 4.43 6.95
CA ILE A 134 -13.17 4.15 8.37
C ILE A 134 -12.24 5.23 8.89
N HIS A 135 -12.40 5.60 10.16
CA HIS A 135 -11.58 6.66 10.74
C HIS A 135 -11.14 6.33 12.16
N SER A 136 -10.21 7.13 12.66
CA SER A 136 -9.72 6.97 14.02
C SER A 136 -9.72 8.35 14.67
N THR A 137 -10.02 8.39 15.97
CA THR A 137 -10.00 9.65 16.71
C THR A 137 -8.88 9.51 17.73
N ALA A 138 -8.53 10.58 18.41
CA ALA A 138 -7.47 10.55 19.40
C ALA A 138 -7.74 9.52 20.51
N SER A 139 -9.01 9.19 20.72
CA SER A 139 -9.36 8.22 21.76
C SER A 139 -9.24 6.77 21.31
N ASP A 140 -9.04 6.56 20.01
CA ASP A 140 -8.90 5.20 19.49
C ASP A 140 -7.48 4.67 19.69
N ASN A 141 -7.35 3.35 19.75
CA ASN A 141 -6.06 2.70 19.95
C ASN A 141 -5.44 2.25 18.63
N TYR A 142 -5.81 2.91 17.55
CA TYR A 142 -5.29 2.58 16.22
C TYR A 142 -5.30 3.84 15.37
N ASN A 143 -4.63 3.77 14.22
CA ASN A 143 -4.57 4.91 13.32
C ASN A 143 -5.09 4.53 11.93
N ALA A 144 -6.14 5.22 11.49
CA ALA A 144 -6.75 4.94 10.19
C ALA A 144 -6.03 5.53 8.97
N ILE A 145 -4.90 4.92 8.61
CA ILE A 145 -4.13 5.35 7.44
C ILE A 145 -3.49 4.11 6.81
N ALA A 146 -2.95 4.30 5.61
CA ALA A 146 -2.25 3.24 4.87
C ALA A 146 -3.08 2.00 4.56
N PRO A 147 -4.20 2.17 3.83
CA PRO A 147 -5.07 1.05 3.46
C PRO A 147 -4.53 0.11 2.37
N ASN A 148 -5.04 -1.11 2.39
CA ASN A 148 -4.72 -2.11 1.38
C ASN A 148 -5.92 -3.05 1.29
N VAL A 149 -6.43 -3.26 0.08
CA VAL A 149 -7.56 -4.14 -0.10
C VAL A 149 -7.08 -5.44 -0.71
N VAL A 150 -7.62 -6.54 -0.22
CA VAL A 150 -7.29 -7.85 -0.74
C VAL A 150 -8.58 -8.64 -0.75
N PHE A 151 -8.77 -9.47 -1.76
CA PHE A 151 -9.94 -10.32 -1.84
C PHE A 151 -9.42 -11.71 -1.49
N ASP A 152 -9.97 -12.36 -0.47
CA ASP A 152 -9.48 -13.69 -0.11
C ASP A 152 -9.90 -14.71 -1.16
N GLN A 153 -9.46 -15.95 -0.97
CA GLN A 153 -9.77 -17.03 -1.91
C GLN A 153 -11.26 -17.18 -2.19
N GLU A 154 -12.10 -16.93 -1.18
CA GLU A 154 -13.53 -17.05 -1.35
C GLU A 154 -14.18 -15.82 -1.95
N GLY A 155 -13.37 -14.87 -2.41
CA GLY A 155 -13.91 -13.66 -3.02
C GLY A 155 -14.34 -12.57 -2.06
N GLN A 156 -14.07 -12.74 -0.78
CA GLN A 156 -14.45 -11.75 0.22
C GLN A 156 -13.41 -10.64 0.31
N PRO A 157 -13.83 -9.38 0.07
CA PRO A 157 -12.85 -8.29 0.15
C PRO A 157 -12.57 -7.90 1.60
N TRP A 158 -11.30 -7.64 1.89
CA TRP A 158 -10.87 -7.24 3.23
C TRP A 158 -9.99 -6.00 3.13
N LEU A 159 -10.11 -5.13 4.14
CA LEU A 159 -9.32 -3.92 4.19
C LEU A 159 -8.33 -3.99 5.36
N SER A 160 -7.04 -3.91 5.05
CA SER A 160 -6.05 -3.89 6.13
C SER A 160 -5.48 -2.48 6.13
N PHE A 161 -5.02 -2.00 7.28
CA PHE A 161 -4.45 -0.67 7.37
C PHE A 161 -3.78 -0.51 8.73
N GLY A 162 -3.28 0.68 9.01
CA GLY A 162 -2.66 0.88 10.30
C GLY A 162 -1.26 1.47 10.31
N SER A 163 -0.96 2.14 11.42
CA SER A 163 0.33 2.76 11.63
C SER A 163 0.46 3.13 13.10
N PHE A 164 1.41 2.47 13.77
CA PHE A 164 1.67 2.69 15.18
C PHE A 164 0.46 2.40 16.07
N TRP A 165 0.46 2.94 17.28
CA TRP A 165 -0.62 2.67 18.23
C TRP A 165 -0.73 1.15 18.37
N SER A 166 -1.93 0.57 18.28
CA SER A 166 -2.04 -0.88 18.45
C SER A 166 -1.44 -1.69 17.29
N GLY A 167 -1.22 -1.05 16.15
CA GLY A 167 -0.63 -1.75 15.02
C GLY A 167 -1.50 -1.93 13.79
N ILE A 168 -1.32 -3.06 13.11
CA ILE A 168 -2.05 -3.36 11.88
C ILE A 168 -3.45 -3.88 12.16
N GLN A 169 -4.43 -3.28 11.50
CA GLN A 169 -5.83 -3.66 11.68
C GLN A 169 -6.35 -4.36 10.44
N LEU A 170 -7.45 -5.11 10.61
CA LEU A 170 -8.07 -5.84 9.51
C LEU A 170 -9.59 -5.81 9.69
N ILE A 171 -10.32 -5.54 8.61
CA ILE A 171 -11.78 -5.50 8.68
C ILE A 171 -12.44 -5.87 7.35
N GLN A 172 -13.54 -6.61 7.43
CA GLN A 172 -14.27 -7.05 6.25
C GLN A 172 -15.00 -5.91 5.55
N LEU A 173 -14.99 -5.95 4.22
CA LEU A 173 -15.68 -4.95 3.41
C LEU A 173 -16.84 -5.64 2.70
N ASP A 174 -17.88 -4.89 2.37
CA ASP A 174 -19.02 -5.44 1.65
C ASP A 174 -18.71 -5.29 0.16
N THR A 175 -19.02 -6.31 -0.63
CA THR A 175 -18.73 -6.28 -2.07
C THR A 175 -19.47 -5.18 -2.84
N GLU A 176 -20.64 -4.80 -2.38
CA GLU A 176 -21.43 -3.77 -3.05
C GLU A 176 -20.95 -2.36 -2.74
N THR A 177 -20.88 -2.03 -1.45
CA THR A 177 -20.45 -0.70 -1.04
C THR A 177 -18.94 -0.55 -1.03
N MET A 178 -18.26 -1.68 -0.85
CA MET A 178 -16.80 -1.71 -0.76
C MET A 178 -16.36 -0.92 0.48
N LYS A 179 -17.23 -0.94 1.48
CA LYS A 179 -16.96 -0.29 2.76
C LYS A 179 -17.38 -1.31 3.80
N PRO A 180 -16.80 -1.21 5.01
CA PRO A 180 -17.17 -2.17 6.06
C PRO A 180 -18.57 -1.95 6.60
N ALA A 181 -19.22 -3.03 7.01
CA ALA A 181 -20.56 -2.93 7.59
C ALA A 181 -20.40 -2.05 8.82
N ALA A 182 -21.46 -1.36 9.21
CA ALA A 182 -21.41 -0.47 10.37
C ALA A 182 -21.03 -1.25 11.63
N GLN A 183 -21.42 -2.52 11.69
CA GLN A 183 -21.11 -3.37 12.84
C GLN A 183 -19.98 -4.37 12.60
N ALA A 184 -19.20 -4.16 11.54
CA ALA A 184 -18.09 -5.08 11.25
C ALA A 184 -17.05 -5.03 12.36
N GLU A 185 -16.44 -6.18 12.65
CA GLU A 185 -15.44 -6.25 13.70
C GLU A 185 -14.04 -5.85 13.22
N LEU A 186 -13.37 -5.00 13.98
CA LEU A 186 -12.03 -4.55 13.65
C LEU A 186 -11.03 -5.45 14.37
N LEU A 187 -10.14 -6.08 13.61
CA LEU A 187 -9.17 -6.99 14.19
C LEU A 187 -7.73 -6.50 14.08
N THR A 188 -6.96 -6.65 15.15
CA THR A 188 -5.56 -6.24 15.15
C THR A 188 -4.79 -7.51 14.78
N ILE A 189 -3.99 -7.46 13.72
CA ILE A 189 -3.26 -8.65 13.28
C ILE A 189 -1.72 -8.62 13.36
N ALA A 190 -1.14 -7.46 13.63
CA ALA A 190 0.32 -7.40 13.72
C ALA A 190 0.75 -6.21 14.58
N SER A 191 1.79 -6.41 15.37
CA SER A 191 2.29 -5.37 16.26
C SER A 191 3.73 -5.68 16.69
N ARG A 192 4.56 -4.65 16.81
CA ARG A 192 5.93 -4.85 17.25
C ARG A 192 5.89 -5.24 18.74
N GLY A 193 4.82 -4.82 19.41
CA GLY A 193 4.69 -5.12 20.84
C GLY A 193 5.58 -4.19 21.65
N GLU A 194 6.07 -3.14 21.00
CA GLU A 194 6.95 -2.16 21.64
C GLU A 194 6.30 -0.78 21.64
N GLU A 195 6.92 0.15 22.35
CA GLU A 195 6.44 1.53 22.43
C GLU A 195 7.61 2.47 22.17
N PRO A 196 7.54 3.28 21.10
CA PRO A 196 6.43 3.31 20.14
C PRO A 196 6.37 2.01 19.37
N ASN A 197 5.22 1.75 18.76
CA ASN A 197 4.97 0.53 18.01
C ASN A 197 5.18 0.83 16.52
N ALA A 198 6.44 0.78 16.08
CA ALA A 198 6.80 1.09 14.70
C ALA A 198 6.52 0.02 13.65
N ILE A 199 5.26 -0.09 13.26
CA ILE A 199 4.82 -1.01 12.23
C ILE A 199 3.69 -0.30 11.48
N GLU A 200 3.71 -0.37 10.15
CA GLU A 200 2.67 0.29 9.36
C GLU A 200 2.70 -0.18 7.91
N ALA A 201 1.81 0.42 7.11
CA ALA A 201 1.74 0.14 5.68
C ALA A 201 1.58 -1.33 5.33
N PRO A 202 0.47 -1.94 5.77
CA PRO A 202 0.28 -3.36 5.44
C PRO A 202 -0.11 -3.61 3.99
N PHE A 203 0.18 -4.81 3.51
CA PHE A 203 -0.18 -5.21 2.17
C PHE A 203 -0.26 -6.73 2.19
N ILE A 204 -1.45 -7.26 1.90
CA ILE A 204 -1.66 -8.69 1.93
C ILE A 204 -1.90 -9.27 0.54
N VAL A 205 -1.28 -10.42 0.27
CA VAL A 205 -1.46 -11.12 -0.99
C VAL A 205 -1.60 -12.60 -0.67
N CYS A 206 -2.29 -13.32 -1.52
CA CYS A 206 -2.48 -14.75 -1.31
C CYS A 206 -1.65 -15.50 -2.34
N ARG A 207 -0.90 -16.48 -1.88
CA ARG A 207 -0.08 -17.29 -2.78
C ARG A 207 -0.01 -18.72 -2.29
N ASN A 208 -0.50 -19.63 -3.12
CA ASN A 208 -0.50 -21.06 -2.82
C ASN A 208 -1.05 -21.42 -1.45
N GLY A 209 -2.32 -21.07 -1.20
CA GLY A 209 -2.95 -21.40 0.05
C GLY A 209 -2.49 -20.63 1.28
N TYR A 210 -1.65 -19.62 1.09
CA TYR A 210 -1.16 -18.84 2.20
C TYR A 210 -1.41 -17.35 1.96
N TYR A 211 -1.59 -16.61 3.05
CA TYR A 211 -1.79 -15.17 2.99
C TYR A 211 -0.52 -14.54 3.53
N TYR A 212 0.10 -13.68 2.74
CA TYR A 212 1.34 -13.04 3.16
C TYR A 212 1.10 -11.59 3.52
N LEU A 213 1.48 -11.24 4.74
CA LEU A 213 1.34 -9.88 5.23
C LEU A 213 2.69 -9.18 5.21
N PHE A 214 2.83 -8.22 4.30
CA PHE A 214 4.05 -7.43 4.20
C PHE A 214 3.77 -6.15 4.97
N VAL A 215 4.75 -5.69 5.74
CA VAL A 215 4.60 -4.47 6.52
C VAL A 215 5.93 -3.74 6.52
N SER A 216 5.91 -2.51 7.01
CA SER A 216 7.12 -1.72 7.09
C SER A 216 7.46 -1.53 8.55
N PHE A 217 8.70 -1.84 8.91
CA PHE A 217 9.17 -1.69 10.28
C PHE A 217 9.94 -0.39 10.42
N ASP A 218 9.91 0.15 11.63
CA ASP A 218 10.63 1.36 11.98
C ASP A 218 10.29 2.68 11.29
N PHE A 219 11.28 3.55 11.13
CA PHE A 219 11.01 4.91 10.64
C PHE A 219 11.22 5.40 9.23
N CYS A 220 10.14 5.94 8.68
CA CYS A 220 10.11 6.54 7.34
C CYS A 220 10.35 8.01 7.54
N CYS A 221 10.25 8.71 6.42
CA CYS A 221 10.26 10.14 6.41
C CYS A 221 11.38 10.93 7.11
N ARG A 222 12.59 10.39 7.09
CA ARG A 222 13.72 11.07 7.71
C ARG A 222 14.91 11.15 6.77
N GLY A 223 14.64 11.10 5.47
CA GLY A 223 15.70 11.16 4.48
C GLY A 223 16.71 10.04 4.68
N ILE A 224 17.99 10.40 4.63
CA ILE A 224 19.03 9.37 4.79
C ILE A 224 19.10 8.84 6.22
N GLU A 225 18.27 9.38 7.11
CA GLU A 225 18.26 8.91 8.48
C GLU A 225 17.04 8.02 8.75
N SER A 226 16.36 7.62 7.68
CA SER A 226 15.21 6.75 7.81
C SER A 226 15.74 5.37 8.16
N THR A 227 14.96 4.59 8.92
CA THR A 227 15.37 3.25 9.33
C THR A 227 14.36 2.20 8.88
N TYR A 228 13.53 2.58 7.91
CA TYR A 228 12.50 1.72 7.31
C TYR A 228 13.07 0.38 6.87
N LYS A 229 12.26 -0.67 7.05
CA LYS A 229 12.64 -2.04 6.64
C LYS A 229 11.36 -2.74 6.24
N ILE A 230 11.45 -3.67 5.30
CA ILE A 230 10.28 -4.42 4.88
C ILE A 230 10.32 -5.81 5.48
N ALA A 231 9.24 -6.18 6.19
CA ALA A 231 9.15 -7.48 6.84
C ALA A 231 7.91 -8.24 6.37
N VAL A 232 7.92 -9.55 6.49
CA VAL A 232 6.80 -10.37 6.05
C VAL A 232 6.51 -11.56 6.96
N GLY A 233 5.24 -11.94 7.00
CA GLY A 233 4.80 -13.09 7.80
C GLY A 233 3.66 -13.72 7.02
N ARG A 234 3.21 -14.90 7.43
CA ARG A 234 2.13 -15.54 6.70
C ARG A 234 1.16 -16.31 7.59
N SER A 235 0.02 -16.69 7.00
CA SER A 235 -1.03 -17.42 7.70
C SER A 235 -1.94 -18.13 6.69
N LYS A 236 -2.51 -19.26 7.09
CA LYS A 236 -3.41 -19.99 6.19
C LYS A 236 -4.77 -19.30 6.20
N ASP A 237 -5.03 -18.59 7.30
CA ASP A 237 -6.29 -17.85 7.46
C ASP A 237 -5.98 -16.36 7.34
N ILE A 238 -6.79 -15.65 6.57
CA ILE A 238 -6.55 -14.23 6.38
C ILE A 238 -6.64 -13.44 7.68
N THR A 239 -7.34 -13.99 8.67
CA THR A 239 -7.48 -13.32 9.94
C THR A 239 -6.34 -13.66 10.89
N GLY A 240 -5.37 -14.44 10.40
CA GLY A 240 -4.23 -14.81 11.22
C GLY A 240 -4.33 -16.17 11.86
N PRO A 241 -3.39 -16.51 12.76
CA PRO A 241 -2.27 -15.65 13.13
C PRO A 241 -1.16 -15.62 12.08
N TYR A 242 -0.63 -14.43 11.83
CA TYR A 242 0.46 -14.30 10.87
C TYR A 242 1.74 -14.59 11.62
N VAL A 243 2.55 -15.48 11.06
CA VAL A 243 3.80 -15.88 11.69
C VAL A 243 4.96 -15.81 10.68
N ASP A 244 6.16 -15.52 11.17
CA ASP A 244 7.32 -15.44 10.29
C ASP A 244 8.04 -16.79 10.17
N LYS A 245 9.21 -16.79 9.54
CA LYS A 245 9.98 -18.01 9.33
C LYS A 245 10.37 -18.73 10.62
N ASN A 246 10.64 -17.96 11.67
CA ASN A 246 11.04 -18.51 12.96
C ASN A 246 9.87 -18.98 13.81
N GLY A 247 8.66 -18.91 13.26
CA GLY A 247 7.50 -19.33 14.01
C GLY A 247 7.02 -18.28 15.01
N VAL A 248 7.55 -17.06 14.88
CA VAL A 248 7.16 -15.98 15.79
C VAL A 248 5.97 -15.20 15.25
N SER A 249 4.97 -15.01 16.09
CA SER A 249 3.76 -14.28 15.72
C SER A 249 4.04 -12.81 15.41
N MET A 250 3.36 -12.29 14.39
CA MET A 250 3.53 -10.89 14.01
C MET A 250 2.86 -9.96 15.02
N MET A 251 2.14 -10.54 15.98
CA MET A 251 1.50 -9.76 17.03
C MET A 251 2.50 -9.55 18.14
N GLN A 252 3.61 -10.28 18.07
CA GLN A 252 4.66 -10.18 19.08
C GLN A 252 5.98 -9.76 18.46
N GLY A 253 5.91 -8.89 17.45
CA GLY A 253 7.11 -8.41 16.79
C GLY A 253 7.67 -9.34 15.73
N GLY A 254 6.96 -10.42 15.44
CA GLY A 254 7.42 -11.35 14.43
C GLY A 254 7.45 -10.72 13.05
N GLY A 255 8.30 -11.26 12.17
CA GLY A 255 8.40 -10.74 10.82
C GLY A 255 9.77 -10.99 10.22
N THR A 256 9.79 -11.61 9.05
CA THR A 256 11.05 -11.89 8.38
C THR A 256 11.41 -10.69 7.51
N ILE A 257 12.61 -10.14 7.73
CA ILE A 257 13.06 -8.98 6.99
C ILE A 257 13.39 -9.30 5.54
N LEU A 258 12.73 -8.60 4.62
CA LEU A 258 12.92 -8.82 3.20
C LEU A 258 13.96 -7.86 2.63
N ASP A 259 14.01 -6.66 3.19
CA ASP A 259 14.94 -5.64 2.71
C ASP A 259 15.07 -4.53 3.75
N GLU A 260 16.30 -4.20 4.11
CA GLU A 260 16.55 -3.14 5.07
C GLU A 260 17.44 -2.07 4.43
N GLY A 261 17.62 -2.21 3.12
CA GLY A 261 18.42 -1.26 2.38
C GLY A 261 19.92 -1.40 2.54
N ASN A 262 20.63 -0.37 2.10
CA ASN A 262 22.09 -0.33 2.17
C ASN A 262 22.58 1.12 2.19
N ASP A 263 23.88 1.32 1.98
CA ASP A 263 24.46 2.66 1.99
C ASP A 263 24.10 3.51 0.78
N ARG A 264 23.43 2.91 -0.21
CA ARG A 264 23.05 3.63 -1.42
C ARG A 264 21.54 3.92 -1.43
N TRP A 265 20.75 2.94 -1.01
CA TRP A 265 19.30 3.09 -0.92
C TRP A 265 18.96 2.93 0.54
N ILE A 266 18.55 4.04 1.17
CA ILE A 266 18.22 4.06 2.58
C ILE A 266 16.74 3.82 2.87
N GLY A 267 16.48 3.12 3.98
CA GLY A 267 15.11 2.86 4.42
C GLY A 267 14.04 2.48 3.41
N PRO A 268 14.17 1.33 2.74
CA PRO A 268 13.13 0.98 1.76
C PRO A 268 11.87 0.61 2.54
N GLY A 269 10.71 1.01 2.03
CA GLY A 269 9.48 0.70 2.74
C GLY A 269 8.17 1.04 2.06
N HIS A 270 7.07 0.82 2.78
CA HIS A 270 5.72 1.04 2.29
C HIS A 270 5.59 0.39 0.92
N CYS A 271 5.60 -0.94 0.93
CA CYS A 271 5.57 -1.73 -0.29
C CYS A 271 4.23 -2.25 -0.79
N ALA A 272 4.28 -2.81 -1.99
CA ALA A 272 3.13 -3.38 -2.67
C ALA A 272 3.67 -4.55 -3.47
N VAL A 273 2.87 -5.61 -3.60
CA VAL A 273 3.29 -6.80 -4.35
C VAL A 273 2.25 -7.19 -5.38
N TYR A 274 2.71 -7.39 -6.62
CA TYR A 274 1.84 -7.76 -7.71
C TYR A 274 2.37 -8.97 -8.46
N PHE A 275 1.45 -9.77 -9.03
CA PHE A 275 1.80 -10.97 -9.78
C PHE A 275 1.30 -10.93 -11.21
N SER A 276 1.92 -11.74 -12.06
CA SER A 276 1.53 -11.85 -13.46
C SER A 276 2.02 -13.21 -13.91
N GLY A 277 1.10 -14.11 -14.18
CA GLY A 277 1.48 -15.44 -14.59
C GLY A 277 2.17 -16.08 -13.39
N VAL A 278 3.46 -16.39 -13.54
CA VAL A 278 4.21 -16.99 -12.45
C VAL A 278 5.18 -15.97 -11.86
N SER A 279 5.23 -14.78 -12.44
CA SER A 279 6.13 -13.74 -11.98
C SER A 279 5.49 -12.81 -10.95
N ALA A 280 6.35 -12.07 -10.25
CA ALA A 280 5.89 -11.13 -9.23
C ALA A 280 6.89 -10.01 -9.09
N ILE A 281 6.42 -8.87 -8.59
CA ILE A 281 7.29 -7.72 -8.37
C ILE A 281 7.03 -7.12 -7.01
N LEU A 282 8.07 -6.51 -6.45
CA LEU A 282 7.97 -5.83 -5.17
C LEU A 282 8.08 -4.35 -5.51
N VAL A 283 7.13 -3.57 -5.04
CA VAL A 283 7.13 -2.13 -5.31
C VAL A 283 7.28 -1.42 -3.97
N ASN A 284 8.04 -0.33 -3.96
CA ASN A 284 8.25 0.44 -2.75
C ASN A 284 9.04 1.69 -3.07
N HIS A 285 9.34 2.47 -2.03
CA HIS A 285 10.17 3.66 -2.19
C HIS A 285 11.36 3.47 -1.27
N ALA A 286 12.41 4.24 -1.53
CA ALA A 286 13.63 4.20 -0.72
C ALA A 286 14.25 5.59 -0.82
N TYR A 287 14.97 6.00 0.20
CA TYR A 287 15.59 7.33 0.22
C TYR A 287 16.98 7.29 -0.42
N ASP A 288 17.14 8.09 -1.48
CA ASP A 288 18.38 8.17 -2.25
C ASP A 288 19.52 8.89 -1.52
N ALA A 289 20.49 8.13 -1.03
CA ALA A 289 21.62 8.70 -0.30
C ALA A 289 22.48 9.60 -1.19
N LEU A 290 22.38 9.40 -2.50
CA LEU A 290 23.15 10.20 -3.45
C LEU A 290 22.38 11.42 -3.90
N LYS A 291 21.12 11.53 -3.48
CA LYS A 291 20.29 12.65 -3.88
C LYS A 291 19.50 13.27 -2.74
N ASN A 292 20.21 13.71 -1.69
CA ASN A 292 19.60 14.36 -0.55
C ASN A 292 18.50 13.52 0.11
N GLY A 293 18.63 12.21 0.01
CA GLY A 293 17.66 11.31 0.60
C GLY A 293 16.24 11.44 0.05
N GLU A 294 16.11 11.88 -1.20
CA GLU A 294 14.79 12.02 -1.78
C GLU A 294 14.16 10.64 -2.00
N PRO A 295 12.88 10.50 -1.62
CA PRO A 295 12.17 9.21 -1.77
C PRO A 295 12.04 8.86 -3.25
N THR A 296 12.49 7.66 -3.60
CA THR A 296 12.48 7.21 -4.98
C THR A 296 11.75 5.90 -5.18
N LEU A 297 11.03 5.81 -6.29
CA LEU A 297 10.28 4.63 -6.66
C LEU A 297 11.22 3.47 -6.97
N GLN A 298 10.88 2.28 -6.49
CA GLN A 298 11.68 1.08 -6.75
C GLN A 298 10.75 -0.06 -7.16
N ILE A 299 11.11 -0.75 -8.23
CA ILE A 299 10.34 -1.91 -8.69
C ILE A 299 11.37 -2.98 -8.98
N ARG A 300 11.22 -4.12 -8.30
CA ARG A 300 12.14 -5.23 -8.46
C ARG A 300 11.39 -6.55 -8.53
N PRO A 301 11.94 -7.52 -9.28
CA PRO A 301 11.26 -8.81 -9.38
C PRO A 301 11.34 -9.49 -8.01
N LEU A 302 10.25 -10.13 -7.60
CA LEU A 302 10.19 -10.81 -6.32
C LEU A 302 10.03 -12.30 -6.57
N TYR A 303 10.95 -13.08 -6.00
CA TYR A 303 10.90 -14.52 -6.16
C TYR A 303 10.37 -15.21 -4.90
N TRP A 304 10.10 -16.50 -5.02
CA TRP A 304 9.58 -17.30 -3.91
C TRP A 304 10.35 -18.62 -3.84
N ASP A 305 10.90 -18.92 -2.67
CA ASP A 305 11.65 -20.17 -2.51
C ASP A 305 10.75 -21.39 -2.44
N ASP A 306 11.36 -22.55 -2.19
CA ASP A 306 10.65 -23.82 -2.10
C ASP A 306 9.67 -23.87 -0.94
N GLU A 307 10.01 -23.18 0.15
CA GLU A 307 9.14 -23.12 1.32
C GLU A 307 7.98 -22.17 1.05
N GLY A 308 8.13 -21.37 0.00
CA GLY A 308 7.07 -20.43 -0.35
C GLY A 308 7.32 -19.02 0.16
N TRP A 309 8.49 -18.79 0.73
CA TRP A 309 8.83 -17.46 1.24
C TRP A 309 9.44 -16.60 0.16
N PRO A 310 8.98 -15.34 0.05
CA PRO A 310 9.48 -14.40 -0.96
C PRO A 310 10.90 -13.92 -0.66
N TYR A 311 11.62 -13.57 -1.72
CA TYR A 311 12.98 -13.07 -1.57
C TYR A 311 13.39 -12.29 -2.82
N LEU A 312 14.21 -11.29 -2.61
CA LEU A 312 14.68 -10.45 -3.71
C LEU A 312 15.99 -11.05 -4.21
N SER A 313 16.22 -10.94 -5.51
CA SER A 313 17.45 -11.48 -6.10
C SER A 313 18.61 -10.50 -5.98
N VAL A 314 19.80 -11.01 -6.19
CA VAL A 314 21.02 -10.22 -6.12
C VAL A 314 21.46 -9.74 -7.50
#